data_4AN2
#
_entry.id   4AN2
#
_cell.length_a   108.844
_cell.length_b   108.844
_cell.length_c   47.710
_cell.angle_alpha   90.00
_cell.angle_beta   90.00
_cell.angle_gamma   120.00
#
_symmetry.space_group_name_H-M   'P 61'
#
loop_
_entity.id
_entity.type
_entity.pdbx_description
1 polymer 'DUAL SPECIFICITY MITOGEN-ACTIVATED PROTEIN KINASE KINASE 1'
2 non-polymer [3,4-BIS(FLUORANYL)-2-[(2-FLUORANYL-4-IODANYL-PHENYL)AMINO]PHENYL]-[3-OXIDANYL-3-[(2S)-PIPERIDIN-2-YL]AZETIDIN-1-YL]METHANONE
3 non-polymer 'PHOSPHOMETHYLPHOSPHONIC ACID ADENYLATE ESTER'
4 non-polymer 'MAGNESIUM ION'
5 water water
#
_entity_poly.entity_id   1
_entity_poly.type   'polypeptide(L)'
_entity_poly.pdbx_seq_one_letter_code
;MALGELKDDDFEKISELGAGNGGVVFKVSHKPSGLVMARKLIHLEIKPAIRNQIIRELQVLHECNSPYIVGFYGAFYSDG
EISICMEHMDGGSLDQVLKKAGRIPEQILGKVSIAVIKGLTYLREKHKIMHRDVKPSNILVNSRGEIKLCDFGVSGQLID
EMANEFVGTRSYMSPERLQGTHYSVQSDIWSMGLSLVEMAVGRYPRPPMAIFELLDYIVNEPPPKLPSAVFSLEFQDFVN
KCLIKNPAERADLKQLMVHAFIKRSDAEEVDFAGWLCSTIGLNQPSTPTHAAGEGHHHHHH
;
_entity_poly.pdbx_strand_id   A
#
loop_
_chem_comp.id
_chem_comp.type
_chem_comp.name
_chem_comp.formula
ACP non-polymer 'PHOSPHOMETHYLPHOSPHONIC ACID ADENYLATE ESTER' 'C11 H18 N5 O12 P3'
EUI non-polymer [3,4-BIS(FLUORANYL)-2-[(2-FLUORANYL-4-IODANYL-PHENYL)AMINO]PHENYL]-[3-OXIDANYL-3-[(2S)-PIPERIDIN-2-YL]AZETIDIN-1-YL]METHANONE 'C21 H21 F3 I N3 O2'
MG non-polymer 'MAGNESIUM ION' 'Mg 2'
#
# COMPACT_ATOMS: atom_id res chain seq x y z
N MET A 1 -8.67 -3.48 27.61
CA MET A 1 -8.11 -3.45 26.22
C MET A 1 -6.59 -3.63 26.28
N ALA A 2 -6.01 -4.17 25.19
CA ALA A 2 -4.57 -4.45 25.12
C ALA A 2 -3.70 -3.29 25.69
N LEU A 3 -3.98 -2.06 25.25
CA LEU A 3 -3.26 -0.86 25.74
C LEU A 3 -4.20 0.21 26.33
N GLY A 4 -5.33 0.44 25.65
CA GLY A 4 -6.35 1.40 26.07
C GLY A 4 -5.89 2.84 26.11
N GLU A 5 -4.80 3.06 26.85
CA GLU A 5 -4.28 4.36 27.30
C GLU A 5 -3.13 4.90 26.45
N LEU A 6 -3.41 5.41 25.24
CA LEU A 6 -2.30 5.88 24.40
C LEU A 6 -2.11 7.38 24.42
N LYS A 7 -0.89 7.81 24.74
CA LYS A 7 -0.60 9.21 24.98
C LYS A 7 0.80 9.55 24.61
N ASP A 8 0.97 10.81 24.23
CA ASP A 8 2.21 11.32 23.63
C ASP A 8 3.49 11.12 24.48
N ASP A 9 3.37 11.29 25.79
CA ASP A 9 4.51 11.22 26.66
C ASP A 9 5.15 9.84 26.78
N ASP A 10 4.36 8.82 26.47
CA ASP A 10 4.81 7.42 26.57
C ASP A 10 5.62 6.92 25.38
N PHE A 11 5.61 7.62 24.26
CA PHE A 11 6.37 7.14 23.13
C PHE A 11 7.66 7.79 23.18
N GLU A 12 8.59 7.29 22.42
CA GLU A 12 9.91 7.81 22.47
C GLU A 12 10.55 7.53 21.10
N LYS A 13 10.93 8.60 20.39
CA LYS A 13 11.45 8.50 19.00
C LYS A 13 12.68 7.60 18.95
N ILE A 14 12.76 6.65 18.00
CA ILE A 14 14.03 5.99 17.73
C ILE A 14 14.63 6.48 16.43
N SER A 15 13.79 6.95 15.51
CA SER A 15 14.23 7.52 14.23
C SER A 15 13.04 8.05 13.41
N GLU A 16 13.30 9.07 12.59
CA GLU A 16 12.42 9.49 11.50
C GLU A 16 12.47 8.34 10.47
N LEU A 17 11.32 7.97 9.91
CA LEU A 17 11.31 6.98 8.84
C LEU A 17 10.99 7.64 7.51
N GLY A 18 10.60 8.93 7.55
CA GLY A 18 10.31 9.73 6.35
C GLY A 18 8.93 10.37 6.28
N ALA A 19 8.72 11.16 5.23
CA ALA A 19 7.55 12.00 5.01
C ALA A 19 6.75 11.58 3.76
N GLY A 20 5.43 11.68 3.83
CA GLY A 20 4.67 11.37 2.63
C GLY A 20 3.68 12.44 2.26
N ASN A 21 2.51 12.01 1.80
CA ASN A 21 1.44 12.91 1.41
C ASN A 21 0.52 13.17 2.55
N GLY A 22 1.06 13.89 3.53
CA GLY A 22 0.28 14.38 4.67
C GLY A 22 0.79 13.94 6.04
N GLY A 23 1.59 12.89 6.12
CA GLY A 23 1.99 12.39 7.42
C GLY A 23 3.48 12.26 7.53
N VAL A 24 4.01 12.36 8.75
CA VAL A 24 5.40 11.94 8.94
C VAL A 24 5.40 10.70 9.88
N VAL A 25 6.36 9.83 9.64
CA VAL A 25 6.40 8.52 10.24
C VAL A 25 7.67 8.28 11.07
N PHE A 26 7.51 7.80 12.30
CA PHE A 26 8.68 7.48 13.10
C PHE A 26 8.69 6.05 13.62
N LYS A 27 9.89 5.50 13.77
CA LYS A 27 10.05 4.33 14.61
C LYS A 27 10.11 4.78 16.05
N VAL A 28 9.17 4.31 16.85
CA VAL A 28 9.20 4.70 18.23
C VAL A 28 9.33 3.51 19.17
N SER A 29 9.68 3.82 20.41
CA SER A 29 9.56 2.88 21.50
C SER A 29 8.36 3.28 22.33
N HIS A 30 7.52 2.30 22.61
CA HIS A 30 6.44 2.55 23.50
C HIS A 30 6.77 2.12 24.93
N LYS A 31 7.23 3.08 25.73
CA LYS A 31 7.86 2.74 27.04
C LYS A 31 7.05 1.79 27.93
N PRO A 32 5.79 2.14 28.27
CA PRO A 32 5.03 1.35 29.25
C PRO A 32 4.76 -0.15 28.88
N SER A 33 4.75 -0.49 27.58
CA SER A 33 4.64 -1.92 27.18
C SER A 33 5.86 -2.59 26.52
N GLY A 34 6.92 -1.84 26.19
CA GLY A 34 8.10 -2.40 25.52
C GLY A 34 7.87 -2.66 24.03
N LEU A 35 6.65 -2.37 23.52
CA LEU A 35 6.33 -2.51 22.09
C LEU A 35 7.12 -1.56 21.22
N VAL A 36 7.71 -2.10 20.16
CA VAL A 36 8.26 -1.34 19.05
C VAL A 36 7.20 -1.13 17.96
N MET A 37 7.12 0.12 17.49
CA MET A 37 6.02 0.53 16.63
C MET A 37 6.48 1.58 15.62
N ALA A 38 5.78 1.65 14.50
CA ALA A 38 5.80 2.81 13.60
C ALA A 38 4.66 3.74 13.97
N ARG A 39 4.93 5.03 13.87
CA ARG A 39 3.93 6.03 14.26
C ARG A 39 3.89 7.10 13.21
N LYS A 40 2.72 7.28 12.66
CA LYS A 40 2.56 8.26 11.63
C LYS A 40 1.81 9.44 12.21
N LEU A 41 2.43 10.62 12.11
CA LEU A 41 1.73 11.87 12.49
C LEU A 41 1.27 12.59 11.26
N ILE A 42 -0.03 12.85 11.23
CA ILE A 42 -0.76 13.70 10.28
C ILE A 42 -1.31 15.00 10.89
N HIS A 43 -0.69 16.14 10.51
CA HIS A 43 -1.17 17.53 10.81
C HIS A 43 -2.44 17.74 9.98
N LEU A 44 -3.51 18.17 10.61
CA LEU A 44 -4.63 18.58 9.81
C LEU A 44 -5.00 20.04 10.09
N GLU A 45 -6.28 20.40 10.01
CA GLU A 45 -6.82 21.74 10.37
C GLU A 45 -8.34 21.65 10.52
N ILE A 46 -8.81 21.24 11.70
CA ILE A 46 -10.19 20.79 11.86
C ILE A 46 -10.79 20.86 13.27
N LYS A 47 -12.10 21.18 13.26
CA LYS A 47 -13.03 21.16 14.39
C LYS A 47 -12.83 19.91 15.24
N PRO A 48 -12.75 20.09 16.58
CA PRO A 48 -12.64 18.93 17.48
C PRO A 48 -13.69 17.86 17.19
N ALA A 49 -14.72 18.20 16.41
CA ALA A 49 -15.75 17.20 16.12
C ALA A 49 -15.17 16.22 15.12
N ILE A 50 -14.71 16.79 14.01
CA ILE A 50 -14.10 16.05 12.92
C ILE A 50 -12.90 15.29 13.49
N ARG A 51 -11.98 15.97 14.16
CA ARG A 51 -10.83 15.30 14.72
C ARG A 51 -11.24 14.02 15.47
N ASN A 52 -12.16 14.15 16.41
CA ASN A 52 -12.57 12.99 17.19
C ASN A 52 -13.31 11.88 16.44
N GLN A 53 -14.15 12.22 15.46
CA GLN A 53 -14.70 11.21 14.47
C GLN A 53 -13.60 10.29 13.82
N ILE A 54 -12.70 10.96 13.13
CA ILE A 54 -11.49 10.39 12.64
C ILE A 54 -10.86 9.41 13.64
N ILE A 55 -10.60 9.83 14.87
CA ILE A 55 -10.06 8.91 15.87
C ILE A 55 -10.99 7.74 16.20
N ARG A 56 -12.31 7.95 16.14
CA ARG A 56 -13.30 6.90 16.44
C ARG A 56 -13.26 5.89 15.27
N GLU A 57 -13.43 6.41 14.04
CA GLU A 57 -13.37 5.63 12.79
C GLU A 57 -12.10 4.79 12.62
N LEU A 58 -10.99 5.27 13.15
CA LEU A 58 -9.76 4.52 13.06
C LEU A 58 -9.69 3.34 14.00
N GLN A 59 -10.67 3.19 14.89
CA GLN A 59 -10.59 2.21 15.96
C GLN A 59 -10.87 0.87 15.31
N VAL A 60 -11.60 0.91 14.21
CA VAL A 60 -11.87 -0.31 13.42
C VAL A 60 -10.59 -1.03 13.01
N LEU A 61 -9.46 -0.35 13.02
CA LEU A 61 -8.22 -1.07 12.74
C LEU A 61 -7.88 -2.13 13.79
N HIS A 62 -8.36 -1.96 15.03
CA HIS A 62 -8.18 -3.02 16.05
C HIS A 62 -8.70 -4.36 15.59
N GLU A 63 -9.63 -4.36 14.66
CA GLU A 63 -10.18 -5.61 14.16
C GLU A 63 -9.55 -6.14 12.88
N CYS A 64 -8.54 -5.47 12.37
CA CYS A 64 -7.81 -6.04 11.25
C CYS A 64 -6.80 -7.04 11.76
N ASN A 65 -7.02 -8.30 11.39
CA ASN A 65 -6.09 -9.30 11.86
C ASN A 65 -5.76 -10.25 10.74
N SER A 66 -4.62 -9.97 10.12
CA SER A 66 -4.19 -10.70 8.98
C SER A 66 -2.70 -10.66 8.86
N PRO A 67 -2.13 -11.74 8.34
CA PRO A 67 -0.70 -11.72 8.16
C PRO A 67 -0.29 -10.81 6.99
N TYR A 68 -1.25 -10.42 6.15
CA TYR A 68 -1.01 -9.51 5.01
C TYR A 68 -1.36 -7.99 5.25
N ILE A 69 -1.84 -7.70 6.44
CA ILE A 69 -2.20 -6.34 6.83
C ILE A 69 -1.30 -5.96 7.99
N VAL A 70 -0.62 -4.84 7.86
CA VAL A 70 0.17 -4.25 8.94
C VAL A 70 -0.74 -4.14 10.20
N GLY A 71 -0.15 -4.48 11.34
CA GLY A 71 -0.91 -4.55 12.58
C GLY A 71 -1.16 -3.17 13.14
N PHE A 72 -2.38 -2.97 13.67
CA PHE A 72 -2.80 -1.76 14.45
C PHE A 72 -2.69 -1.81 16.00
N TYR A 73 -2.00 -0.82 16.60
CA TYR A 73 -1.93 -0.70 18.09
C TYR A 73 -2.83 0.37 18.72
N GLY A 74 -3.04 1.47 18.02
CA GLY A 74 -3.94 2.54 18.45
C GLY A 74 -3.75 3.82 17.65
N ALA A 75 -4.73 4.69 17.78
CA ALA A 75 -4.71 6.03 17.23
C ALA A 75 -5.27 7.01 18.29
N PHE A 76 -4.63 8.17 18.39
CA PHE A 76 -5.09 9.27 19.26
C PHE A 76 -4.72 10.66 18.68
N TYR A 77 -5.36 11.73 19.16
CA TYR A 77 -5.02 13.13 18.79
C TYR A 77 -4.01 13.74 19.74
N SER A 78 -2.98 14.44 19.21
CA SER A 78 -2.09 15.15 20.14
C SER A 78 -1.26 16.28 19.55
N ASP A 79 -1.24 17.41 20.26
CA ASP A 79 -0.48 18.61 19.88
C ASP A 79 -0.74 18.93 18.41
N GLY A 80 -2.05 18.96 18.07
CA GLY A 80 -2.50 19.21 16.68
C GLY A 80 -2.00 18.25 15.60
N GLU A 81 -1.71 17.00 15.99
CA GLU A 81 -1.23 15.99 15.05
C GLU A 81 -1.89 14.70 15.47
N ILE A 82 -2.60 14.08 14.54
CA ILE A 82 -3.23 12.79 14.83
C ILE A 82 -2.18 11.72 14.63
N SER A 83 -2.21 10.72 15.50
CA SER A 83 -1.21 9.65 15.58
C SER A 83 -1.81 8.30 15.13
N ILE A 84 -1.22 7.68 14.11
CA ILE A 84 -1.59 6.28 13.85
C ILE A 84 -0.37 5.44 14.22
N CYS A 85 -0.61 4.53 15.15
CA CYS A 85 0.35 3.58 15.70
C CYS A 85 0.20 2.17 15.15
N MET A 86 1.29 1.69 14.56
CA MET A 86 1.22 0.43 13.83
C MET A 86 2.45 -0.45 14.00
N GLU A 87 2.33 -1.72 13.59
CA GLU A 87 3.49 -2.61 13.55
C GLU A 87 4.59 -1.94 12.75
N HIS A 88 5.82 -1.84 13.30
CA HIS A 88 7.04 -1.40 12.56
C HIS A 88 7.50 -2.51 11.64
N MET A 89 8.01 -2.17 10.45
CA MET A 89 8.42 -3.18 9.52
C MET A 89 9.80 -2.78 9.09
N ASP A 90 10.80 -3.56 9.50
CA ASP A 90 12.22 -3.19 9.32
C ASP A 90 12.80 -3.22 7.87
N GLY A 91 11.99 -3.66 6.90
CA GLY A 91 12.36 -3.47 5.47
C GLY A 91 11.96 -2.12 4.85
N GLY A 92 11.03 -1.41 5.47
CA GLY A 92 10.42 -0.28 4.77
C GLY A 92 9.51 -0.78 3.67
N SER A 93 9.42 -0.03 2.57
CA SER A 93 8.42 -0.34 1.56
C SER A 93 9.13 -0.81 0.32
N LEU A 94 8.39 -1.43 -0.57
CA LEU A 94 8.91 -1.84 -1.86
C LEU A 94 9.46 -0.64 -2.63
N ASP A 95 8.88 0.52 -2.48
CA ASP A 95 9.47 1.75 -3.06
C ASP A 95 10.87 2.09 -2.49
N GLN A 96 11.11 1.83 -1.21
CA GLN A 96 12.48 1.98 -0.74
C GLN A 96 13.34 0.82 -1.26
N VAL A 97 12.73 -0.36 -1.33
CA VAL A 97 13.43 -1.53 -1.85
C VAL A 97 13.84 -1.32 -3.29
N LEU A 98 12.91 -0.79 -4.08
CA LEU A 98 13.10 -0.55 -5.47
C LEU A 98 14.26 0.41 -5.70
N LYS A 99 14.22 1.58 -5.05
CA LYS A 99 15.33 2.57 -5.09
C LYS A 99 16.70 1.94 -4.84
N LYS A 100 16.76 1.12 -3.79
CA LYS A 100 17.92 0.31 -3.46
C LYS A 100 18.26 -0.67 -4.57
N ALA A 101 17.32 -1.54 -4.94
CA ALA A 101 17.59 -2.65 -5.88
C ALA A 101 17.71 -2.31 -7.37
N GLY A 102 17.15 -1.18 -7.79
CA GLY A 102 17.07 -0.87 -9.20
C GLY A 102 15.79 -1.43 -9.82
N ARG A 103 15.46 -2.67 -9.50
CA ARG A 103 14.52 -3.42 -10.32
C ARG A 103 14.32 -4.67 -9.46
N ILE A 104 13.07 -5.05 -9.30
CA ILE A 104 12.78 -6.12 -8.41
C ILE A 104 12.40 -7.26 -9.34
N PRO A 105 13.05 -8.45 -9.17
CA PRO A 105 12.85 -9.67 -9.98
C PRO A 105 11.48 -10.30 -9.91
N GLU A 106 11.05 -10.81 -11.05
CA GLU A 106 9.77 -11.52 -11.25
C GLU A 106 9.40 -12.52 -10.16
N GLN A 107 10.35 -13.06 -9.42
CA GLN A 107 9.95 -14.14 -8.48
C GLN A 107 9.51 -13.59 -7.14
N ILE A 108 10.36 -12.72 -6.59
CA ILE A 108 10.00 -11.86 -5.51
C ILE A 108 8.68 -11.13 -5.80
N LEU A 109 8.47 -10.63 -7.02
CA LEU A 109 7.18 -10.02 -7.32
C LEU A 109 5.98 -10.99 -7.32
N GLY A 110 6.24 -12.32 -7.32
CA GLY A 110 5.17 -13.32 -7.32
C GLY A 110 4.69 -13.43 -5.89
N LYS A 111 5.66 -13.42 -4.99
CA LYS A 111 5.40 -13.39 -3.59
C LYS A 111 4.65 -12.12 -3.25
N VAL A 112 5.05 -10.98 -3.82
CA VAL A 112 4.38 -9.71 -3.58
C VAL A 112 2.94 -9.78 -4.02
N SER A 113 2.67 -10.31 -5.21
CA SER A 113 1.28 -10.41 -5.69
C SER A 113 0.42 -11.23 -4.80
N ILE A 114 0.98 -12.31 -4.26
CA ILE A 114 0.18 -13.26 -3.44
C ILE A 114 -0.27 -12.53 -2.18
N ALA A 115 0.69 -11.91 -1.49
CA ALA A 115 0.43 -11.11 -0.31
C ALA A 115 -0.59 -10.03 -0.68
N VAL A 116 -0.37 -9.32 -1.79
CA VAL A 116 -1.31 -8.21 -2.06
C VAL A 116 -2.70 -8.76 -2.38
N ILE A 117 -2.79 -9.67 -3.34
CA ILE A 117 -4.07 -10.35 -3.57
C ILE A 117 -4.72 -10.68 -2.23
N LYS A 118 -3.94 -11.17 -1.28
CA LYS A 118 -4.63 -11.76 -0.16
C LYS A 118 -4.96 -10.69 0.83
N GLY A 119 -4.13 -9.64 0.85
CA GLY A 119 -4.35 -8.48 1.71
C GLY A 119 -5.66 -7.83 1.36
N LEU A 120 -5.92 -7.66 0.08
CA LEU A 120 -7.10 -6.95 -0.35
C LEU A 120 -8.33 -7.77 -0.12
N THR A 121 -8.17 -9.09 -0.20
CA THR A 121 -9.30 -10.00 -0.13
C THR A 121 -9.74 -9.99 1.32
N TYR A 122 -8.76 -10.05 2.19
CA TYR A 122 -9.05 -9.91 3.60
C TYR A 122 -9.87 -8.61 3.86
N LEU A 123 -9.29 -7.47 3.50
CA LEU A 123 -9.92 -6.18 3.77
C LEU A 123 -11.31 -6.16 3.24
N ARG A 124 -11.50 -6.71 2.06
CA ARG A 124 -12.74 -6.55 1.46
C ARG A 124 -13.77 -7.53 2.00
N GLU A 125 -13.36 -8.78 2.15
CA GLU A 125 -14.27 -9.80 2.70
C GLU A 125 -14.58 -9.65 4.21
N LYS A 126 -13.60 -9.37 5.05
CA LYS A 126 -13.94 -9.17 6.48
C LYS A 126 -14.56 -7.79 6.80
N HIS A 127 -13.99 -6.73 6.24
CA HIS A 127 -14.22 -5.38 6.72
C HIS A 127 -14.86 -4.48 5.72
N LYS A 128 -15.07 -5.00 4.52
CA LYS A 128 -15.55 -4.23 3.36
C LYS A 128 -14.83 -2.88 3.07
N ILE A 129 -13.52 -2.89 3.30
CA ILE A 129 -12.69 -1.73 3.11
C ILE A 129 -11.90 -1.88 1.80
N MET A 130 -11.92 -0.83 0.97
CA MET A 130 -11.06 -0.79 -0.20
C MET A 130 -9.74 -0.17 0.14
N HIS A 131 -8.68 -0.56 -0.55
CA HIS A 131 -7.44 0.06 -0.21
C HIS A 131 -7.40 1.53 -0.56
N ARG A 132 -7.67 1.83 -1.84
CA ARG A 132 -7.64 3.20 -2.44
C ARG A 132 -6.30 3.77 -2.81
N ASP A 133 -5.19 3.17 -2.39
CA ASP A 133 -3.91 3.72 -2.79
C ASP A 133 -2.80 2.64 -2.89
N VAL A 134 -3.00 1.65 -3.75
CA VAL A 134 -2.03 0.56 -3.86
C VAL A 134 -0.87 1.08 -4.65
N LYS A 135 0.32 1.04 -4.07
CA LYS A 135 1.48 1.53 -4.75
C LYS A 135 2.67 1.03 -4.01
N PRO A 136 3.82 0.93 -4.69
CA PRO A 136 4.96 0.42 -3.96
C PRO A 136 5.14 0.97 -2.56
N SER A 137 4.81 2.22 -2.23
CA SER A 137 5.25 2.66 -0.86
C SER A 137 4.30 2.33 0.29
N ASN A 138 3.10 1.92 -0.13
CA ASN A 138 2.09 1.41 0.73
C ASN A 138 2.17 -0.11 0.78
N ILE A 139 3.27 -0.71 0.34
CA ILE A 139 3.50 -2.13 0.59
C ILE A 139 4.77 -2.32 1.37
N LEU A 140 4.64 -2.90 2.55
CA LEU A 140 5.83 -2.99 3.45
C LEU A 140 6.42 -4.39 3.60
N VAL A 141 7.70 -4.44 3.91
CA VAL A 141 8.37 -5.71 4.15
C VAL A 141 9.25 -5.65 5.40
N ASN A 142 9.57 -6.83 5.96
CA ASN A 142 10.43 -6.95 7.16
C ASN A 142 11.43 -8.09 6.99
N SER A 143 12.54 -8.00 7.71
CA SER A 143 13.51 -9.10 7.90
C SER A 143 12.94 -10.53 8.11
N ARG A 144 11.71 -10.68 8.58
CA ARG A 144 11.15 -12.02 8.75
C ARG A 144 10.60 -12.45 7.42
N GLY A 145 10.81 -11.63 6.40
CA GLY A 145 10.46 -11.98 5.04
C GLY A 145 9.03 -11.64 4.69
N GLU A 146 8.24 -11.19 5.66
CA GLU A 146 6.82 -10.85 5.49
C GLU A 146 6.49 -9.63 4.57
N ILE A 147 5.33 -9.65 3.94
CA ILE A 147 4.94 -8.57 3.04
C ILE A 147 3.53 -8.09 3.32
N LYS A 148 3.38 -6.77 3.60
CA LYS A 148 2.08 -6.30 4.13
C LYS A 148 1.57 -5.00 3.56
N LEU A 149 0.26 -4.88 3.55
CA LEU A 149 -0.41 -3.66 3.11
C LEU A 149 -0.60 -2.66 4.28
N CYS A 150 -0.19 -1.39 4.10
CA CYS A 150 -0.59 -0.31 5.03
C CYS A 150 -1.31 0.85 4.33
N ASP A 151 -1.72 1.86 5.09
CA ASP A 151 -2.31 3.13 4.59
C ASP A 151 -3.50 2.93 3.74
N PHE A 152 -4.38 2.00 4.10
CA PHE A 152 -5.64 1.78 3.33
C PHE A 152 -6.79 2.60 3.90
N GLY A 153 -7.91 2.72 3.19
CA GLY A 153 -8.92 3.70 3.58
C GLY A 153 -9.99 3.26 4.56
N VAL A 154 -9.63 3.08 5.84
CA VAL A 154 -10.58 2.63 6.93
C VAL A 154 -11.60 3.70 7.22
N SER A 155 -11.09 4.92 7.35
CA SER A 155 -11.85 6.07 7.80
C SER A 155 -12.38 6.93 6.65
N GLY A 156 -13.65 6.84 6.38
CA GLY A 156 -14.31 7.74 5.43
C GLY A 156 -14.03 9.22 5.66
N GLN A 157 -13.76 9.63 6.91
CA GLN A 157 -13.57 11.08 7.15
C GLN A 157 -12.16 11.50 6.85
N LEU A 158 -11.22 10.60 7.15
CA LEU A 158 -9.81 10.83 6.89
C LEU A 158 -9.51 10.82 5.41
N ILE A 159 -10.20 9.95 4.69
CA ILE A 159 -10.12 9.97 3.25
C ILE A 159 -10.55 11.41 2.93
N ASP A 160 -11.75 11.79 3.40
CA ASP A 160 -12.25 13.13 3.18
C ASP A 160 -11.33 14.27 3.59
N GLU A 161 -10.90 14.29 4.84
CA GLU A 161 -9.89 15.27 5.18
C GLU A 161 -8.63 15.17 4.33
N MET A 162 -8.31 14.00 3.79
CA MET A 162 -7.14 13.96 2.94
C MET A 162 -7.41 14.32 1.49
N ALA A 163 -8.64 14.13 0.99
CA ALA A 163 -9.02 14.46 -0.39
C ALA A 163 -9.04 15.96 -0.72
N ASN A 164 -9.60 16.78 0.16
CA ASN A 164 -9.48 18.23 -0.06
C ASN A 164 -8.22 18.94 0.56
N GLU A 165 -7.20 18.15 0.99
CA GLU A 165 -5.83 18.68 1.02
C GLU A 165 -4.95 18.00 -0.07
N PHE A 166 -5.26 16.74 -0.41
CA PHE A 166 -4.64 16.01 -1.54
C PHE A 166 -5.59 14.98 -2.18
N VAL A 167 -5.70 15.01 -3.50
CA VAL A 167 -6.06 13.79 -4.27
C VAL A 167 -4.72 13.19 -4.81
N GLY A 168 -3.87 12.79 -3.84
CA GLY A 168 -2.40 12.61 -3.96
C GLY A 168 -1.79 11.88 -5.14
N THR A 169 -1.95 10.55 -5.19
CA THR A 169 -1.36 9.74 -6.29
C THR A 169 -2.26 9.61 -7.47
N ARG A 170 -2.48 10.75 -8.14
CA ARG A 170 -3.18 10.85 -9.41
C ARG A 170 -2.59 9.82 -10.41
N SER A 171 -1.27 9.68 -10.45
CA SER A 171 -0.65 8.81 -11.45
C SER A 171 -0.98 7.33 -11.29
N TYR A 172 -1.51 6.93 -10.13
CA TYR A 172 -1.83 5.53 -9.89
C TYR A 172 -3.31 5.18 -10.04
N MET A 173 -4.11 6.18 -10.34
CA MET A 173 -5.55 6.03 -10.53
C MET A 173 -5.93 5.30 -11.82
N SER A 174 -7.04 4.57 -11.75
CA SER A 174 -7.57 3.89 -12.89
C SER A 174 -8.26 4.88 -13.83
N PRO A 175 -8.29 4.58 -15.12
CA PRO A 175 -8.98 5.41 -16.06
C PRO A 175 -10.39 5.72 -15.67
N GLU A 176 -11.14 4.76 -15.17
CA GLU A 176 -12.51 5.06 -14.76
C GLU A 176 -12.49 6.17 -13.66
N ARG A 177 -11.60 5.97 -12.68
CA ARG A 177 -11.46 6.90 -11.58
C ARG A 177 -10.95 8.29 -12.01
N LEU A 178 -10.00 8.38 -12.93
CA LEU A 178 -9.64 9.67 -13.48
C LEU A 178 -10.87 10.31 -14.17
N GLN A 179 -11.72 9.49 -14.75
CA GLN A 179 -12.91 9.97 -15.47
C GLN A 179 -14.00 10.51 -14.55
N GLY A 180 -13.97 10.17 -13.27
CA GLY A 180 -14.88 10.79 -12.28
C GLY A 180 -15.85 9.81 -11.64
N THR A 181 -15.97 8.65 -12.30
CA THR A 181 -16.63 7.47 -11.73
C THR A 181 -16.21 7.28 -10.29
N HIS A 182 -17.10 6.70 -9.50
CA HIS A 182 -16.76 6.41 -8.11
C HIS A 182 -15.81 5.22 -7.93
N TYR A 183 -15.02 5.26 -6.85
CA TYR A 183 -14.12 4.13 -6.57
C TYR A 183 -14.80 2.72 -6.65
N SER A 184 -14.25 1.93 -7.55
CA SER A 184 -14.75 0.64 -7.84
C SER A 184 -13.89 -0.19 -6.99
N VAL A 185 -14.25 -1.46 -6.89
CA VAL A 185 -13.34 -2.45 -6.35
C VAL A 185 -12.21 -2.66 -7.33
N GLN A 186 -12.52 -2.31 -8.57
CA GLN A 186 -11.71 -2.70 -9.69
C GLN A 186 -10.48 -1.76 -9.77
N SER A 187 -10.61 -0.62 -9.09
CA SER A 187 -9.49 0.33 -8.99
C SER A 187 -8.26 -0.18 -8.25
N ASP A 188 -8.46 -0.93 -7.17
CA ASP A 188 -7.27 -1.49 -6.44
C ASP A 188 -6.45 -2.44 -7.32
N ILE A 189 -7.14 -3.20 -8.15
CA ILE A 189 -6.52 -4.11 -9.07
C ILE A 189 -5.73 -3.40 -10.17
N TRP A 190 -6.31 -2.42 -10.83
CA TRP A 190 -5.53 -1.56 -11.70
C TRP A 190 -4.22 -1.18 -11.04
N SER A 191 -4.33 -0.60 -9.82
CA SER A 191 -3.18 0.02 -9.20
C SER A 191 -2.17 -1.00 -8.84
N MET A 192 -2.64 -2.21 -8.55
CA MET A 192 -1.70 -3.30 -8.27
C MET A 192 -0.82 -3.62 -9.49
N GLY A 193 -1.51 -3.71 -10.63
CA GLY A 193 -0.89 -4.10 -11.90
C GLY A 193 0.16 -3.12 -12.31
N LEU A 194 -0.22 -1.87 -12.13
CA LEU A 194 0.66 -0.81 -12.42
C LEU A 194 1.83 -0.84 -11.45
N SER A 195 1.59 -1.10 -10.16
CA SER A 195 2.76 -1.19 -9.23
C SER A 195 3.77 -2.34 -9.61
N LEU A 196 3.26 -3.49 -10.05
CA LEU A 196 4.14 -4.62 -10.43
C LEU A 196 4.99 -4.27 -11.65
N VAL A 197 4.37 -3.60 -12.61
CA VAL A 197 5.11 -3.19 -13.79
C VAL A 197 6.22 -2.25 -13.40
N GLU A 198 5.89 -1.32 -12.50
CA GLU A 198 6.83 -0.29 -12.11
C GLU A 198 8.01 -0.95 -11.45
N MET A 199 7.77 -1.87 -10.49
CA MET A 199 8.83 -2.65 -9.81
C MET A 199 9.58 -3.65 -10.72
N ALA A 200 8.84 -4.21 -11.67
CA ALA A 200 9.47 -5.06 -12.67
C ALA A 200 10.42 -4.21 -13.53
N VAL A 201 9.99 -3.01 -13.97
CA VAL A 201 10.87 -2.33 -14.96
C VAL A 201 11.75 -1.32 -14.28
N GLY A 202 11.41 -1.01 -13.04
CA GLY A 202 12.24 -0.12 -12.24
C GLY A 202 11.92 1.34 -12.48
N ARG A 203 10.77 1.64 -13.05
CA ARG A 203 10.46 3.06 -13.29
C ARG A 203 9.00 3.18 -13.54
N TYR A 204 8.42 4.33 -13.17
CA TYR A 204 7.02 4.54 -13.46
C TYR A 204 6.88 4.20 -14.96
N PRO A 205 6.03 3.20 -15.29
CA PRO A 205 5.87 2.68 -16.64
C PRO A 205 4.74 3.43 -17.32
N ARG A 206 5.38 5.09 -18.00
CA ARG A 206 4.54 5.74 -18.95
C ARG A 206 5.51 6.66 -19.55
N PRO A 207 5.26 7.09 -20.79
CA PRO A 207 6.24 8.00 -21.33
C PRO A 207 6.38 9.17 -20.37
N PRO A 208 7.62 9.64 -20.24
CA PRO A 208 7.78 10.82 -19.40
C PRO A 208 6.93 11.92 -20.02
N MET A 209 6.17 12.68 -19.23
CA MET A 209 5.34 13.80 -19.73
C MET A 209 4.81 14.64 -18.57
N ALA A 210 4.31 15.85 -18.85
CA ALA A 210 3.83 16.79 -17.78
C ALA A 210 2.62 16.17 -17.13
N ILE A 211 2.40 16.47 -15.86
CA ILE A 211 1.31 15.81 -15.13
C ILE A 211 -0.08 15.88 -15.76
N PHE A 212 -0.57 17.04 -16.08
CA PHE A 212 -1.90 17.02 -16.70
C PHE A 212 -1.92 16.30 -18.02
N GLU A 213 -0.81 16.33 -18.77
CA GLU A 213 -0.81 15.52 -20.00
C GLU A 213 -0.96 14.03 -19.66
N LEU A 214 -0.29 13.60 -18.59
CA LEU A 214 -0.38 12.21 -18.06
C LEU A 214 -1.79 11.73 -17.83
N LEU A 215 -2.60 12.56 -17.16
CA LEU A 215 -3.98 12.20 -16.90
C LEU A 215 -4.84 12.03 -18.17
N ASP A 216 -4.65 12.86 -19.19
CA ASP A 216 -5.33 12.52 -20.44
C ASP A 216 -4.71 11.29 -21.11
N TYR A 217 -3.39 11.21 -21.11
CA TYR A 217 -2.80 10.06 -21.66
C TYR A 217 -3.41 8.80 -21.07
N ILE A 218 -3.62 8.78 -19.75
CA ILE A 218 -4.10 7.54 -19.11
C ILE A 218 -5.51 7.18 -19.50
N VAL A 219 -6.38 8.17 -19.60
CA VAL A 219 -7.76 7.90 -19.96
C VAL A 219 -7.81 7.52 -21.43
N ASN A 220 -6.99 8.19 -22.22
CA ASN A 220 -7.04 8.06 -23.66
C ASN A 220 -6.13 7.00 -24.25
N GLU A 221 -4.94 6.76 -23.69
CA GLU A 221 -4.05 5.83 -24.40
C GLU A 221 -4.16 4.44 -23.80
N PRO A 222 -3.52 3.45 -24.44
CA PRO A 222 -3.60 2.05 -23.95
C PRO A 222 -2.83 1.81 -22.64
N PRO A 223 -3.19 0.80 -21.84
CA PRO A 223 -2.51 0.51 -20.59
C PRO A 223 -1.08 0.08 -20.80
N PRO A 224 -0.23 0.20 -19.77
CA PRO A 224 1.14 -0.32 -19.91
C PRO A 224 1.21 -1.86 -19.98
N LYS A 225 2.36 -2.35 -20.42
CA LYS A 225 2.60 -3.76 -20.71
C LYS A 225 4.05 -4.04 -20.29
N LEU A 226 4.36 -5.29 -19.95
CA LEU A 226 5.73 -5.65 -19.58
C LEU A 226 6.65 -5.72 -20.84
N PRO A 227 8.00 -5.47 -20.73
CA PRO A 227 8.79 -5.78 -21.94
C PRO A 227 8.64 -7.29 -22.20
N SER A 228 8.25 -7.65 -23.42
CA SER A 228 7.75 -8.99 -23.72
C SER A 228 8.83 -9.99 -24.06
N ALA A 229 10.05 -9.79 -23.56
CA ALA A 229 11.03 -10.83 -23.79
C ALA A 229 11.68 -11.28 -22.51
N VAL A 230 11.84 -10.34 -21.59
CA VAL A 230 12.58 -10.61 -20.37
C VAL A 230 11.71 -11.20 -19.25
N PHE A 231 10.38 -11.17 -19.42
CA PHE A 231 9.48 -11.61 -18.37
C PHE A 231 8.68 -12.74 -18.89
N SER A 232 8.40 -13.74 -18.03
CA SER A 232 7.56 -14.89 -18.39
C SER A 232 6.23 -14.44 -18.91
N LEU A 233 5.56 -15.32 -19.67
CA LEU A 233 4.31 -14.94 -20.34
C LEU A 233 3.20 -14.98 -19.31
N GLU A 234 3.39 -15.76 -18.24
CA GLU A 234 2.44 -15.82 -17.10
C GLU A 234 2.28 -14.46 -16.43
N PHE A 235 3.43 -13.91 -16.06
CA PHE A 235 3.58 -12.61 -15.47
C PHE A 235 3.01 -11.55 -16.37
N GLN A 236 3.48 -11.50 -17.61
CA GLN A 236 2.88 -10.56 -18.58
C GLN A 236 1.37 -10.66 -18.68
N ASP A 237 0.89 -11.89 -18.71
CA ASP A 237 -0.56 -12.10 -18.90
C ASP A 237 -1.26 -11.58 -17.65
N PHE A 238 -0.75 -11.97 -16.48
CA PHE A 238 -1.26 -11.55 -15.18
C PHE A 238 -1.53 -10.03 -15.14
N VAL A 239 -0.39 -9.35 -15.27
CA VAL A 239 -0.31 -7.95 -15.39
C VAL A 239 -1.31 -7.43 -16.39
N ASN A 240 -1.32 -7.91 -17.64
CA ASN A 240 -2.32 -7.38 -18.59
C ASN A 240 -3.75 -7.55 -18.09
N LYS A 241 -4.02 -8.60 -17.32
CA LYS A 241 -5.40 -8.88 -16.84
C LYS A 241 -5.85 -7.92 -15.77
N CYS A 242 -4.88 -7.41 -15.00
CA CYS A 242 -5.08 -6.34 -13.99
C CYS A 242 -5.27 -4.97 -14.66
N LEU A 243 -4.70 -4.83 -15.85
CA LEU A 243 -4.66 -3.55 -16.49
C LEU A 243 -5.65 -3.34 -17.63
N ILE A 244 -6.68 -4.16 -17.77
CA ILE A 244 -7.75 -3.81 -18.74
C ILE A 244 -8.33 -2.45 -18.27
N LYS A 245 -8.36 -1.41 -19.13
CA LYS A 245 -9.05 -0.11 -18.85
C LYS A 245 -10.53 -0.22 -18.51
N ASN A 246 -11.24 -1.13 -19.16
CA ASN A 246 -12.67 -1.21 -18.90
C ASN A 246 -12.85 -2.02 -17.61
N PRO A 247 -13.41 -1.41 -16.54
CA PRO A 247 -13.41 -2.07 -15.21
C PRO A 247 -14.33 -3.26 -15.18
N ALA A 248 -15.31 -3.29 -16.09
CA ALA A 248 -16.19 -4.49 -16.20
C ALA A 248 -15.41 -5.70 -16.74
N GLU A 249 -14.34 -5.43 -17.46
CA GLU A 249 -13.67 -6.53 -18.10
C GLU A 249 -12.39 -6.89 -17.34
N ARG A 250 -11.88 -5.96 -16.51
CA ARG A 250 -10.67 -6.21 -15.71
C ARG A 250 -10.83 -7.48 -14.87
N ALA A 251 -9.75 -8.23 -14.60
CA ALA A 251 -9.86 -9.36 -13.67
C ALA A 251 -10.13 -8.91 -12.23
N ASP A 252 -10.77 -9.78 -11.44
CA ASP A 252 -10.95 -9.52 -10.01
C ASP A 252 -10.13 -10.50 -9.20
N LEU A 253 -10.19 -10.32 -7.90
CA LEU A 253 -9.30 -11.04 -7.00
C LEU A 253 -9.55 -12.55 -6.99
N LYS A 254 -10.81 -12.99 -7.20
CA LYS A 254 -11.08 -14.43 -7.18
C LYS A 254 -10.33 -14.99 -8.38
N GLN A 255 -10.48 -14.34 -9.52
CA GLN A 255 -9.85 -14.86 -10.74
C GLN A 255 -8.33 -14.76 -10.75
N LEU A 256 -7.78 -13.74 -10.07
CA LEU A 256 -6.32 -13.60 -10.06
C LEU A 256 -5.68 -14.56 -9.09
N MET A 257 -6.36 -14.85 -7.98
CA MET A 257 -5.85 -15.85 -7.00
C MET A 257 -5.57 -17.26 -7.63
N VAL A 258 -6.22 -17.59 -8.75
CA VAL A 258 -5.98 -18.89 -9.42
C VAL A 258 -5.17 -18.81 -10.71
N HIS A 259 -4.60 -17.65 -10.99
CA HIS A 259 -3.81 -17.45 -12.19
C HIS A 259 -2.46 -18.25 -12.24
N ALA A 260 -2.11 -18.65 -13.45
CA ALA A 260 -0.91 -19.44 -13.65
C ALA A 260 0.29 -18.78 -12.99
N PHE A 261 0.42 -17.46 -13.09
CA PHE A 261 1.51 -16.75 -12.37
C PHE A 261 1.47 -16.99 -10.86
N ILE A 262 0.27 -16.99 -10.28
CA ILE A 262 0.15 -17.13 -8.84
C ILE A 262 0.42 -18.58 -8.38
N LYS A 263 -0.16 -19.52 -9.13
CA LYS A 263 0.03 -20.93 -8.86
C LYS A 263 1.51 -21.22 -8.82
N ARG A 264 2.18 -20.84 -9.92
CA ARG A 264 3.64 -21.03 -10.10
C ARG A 264 4.45 -20.37 -9.01
N SER A 265 4.10 -19.11 -8.70
CA SER A 265 4.82 -18.37 -7.68
C SER A 265 4.68 -19.02 -6.33
N ASP A 266 3.48 -19.55 -6.12
CA ASP A 266 3.15 -20.17 -4.86
C ASP A 266 4.09 -21.36 -4.59
N ALA A 267 4.38 -22.14 -5.62
CA ALA A 267 5.26 -23.33 -5.43
C ALA A 267 6.76 -23.00 -5.33
N GLU A 268 7.21 -21.82 -5.76
CA GLU A 268 8.65 -21.59 -5.70
C GLU A 268 9.13 -21.34 -4.29
N GLU A 269 10.38 -21.72 -4.02
CA GLU A 269 11.02 -21.45 -2.74
C GLU A 269 11.80 -20.16 -2.93
N VAL A 270 11.26 -19.02 -2.51
CA VAL A 270 12.01 -17.78 -2.70
C VAL A 270 12.37 -17.31 -1.33
N ASP A 271 13.67 -17.27 -1.07
CA ASP A 271 14.20 -16.73 0.17
C ASP A 271 14.19 -15.20 0.12
N PHE A 272 13.01 -14.63 0.34
CA PHE A 272 12.87 -13.20 0.25
C PHE A 272 13.58 -12.44 1.39
N ALA A 273 13.39 -12.91 2.62
CA ALA A 273 14.17 -12.38 3.75
C ALA A 273 15.66 -12.25 3.41
N GLY A 274 16.26 -13.34 2.93
CA GLY A 274 17.66 -13.36 2.57
C GLY A 274 17.98 -12.34 1.48
N TRP A 275 17.03 -12.17 0.57
CA TRP A 275 17.30 -11.36 -0.60
C TRP A 275 17.36 -9.94 -0.10
N LEU A 276 16.33 -9.59 0.68
CA LEU A 276 16.25 -8.33 1.41
C LEU A 276 17.55 -7.91 2.14
N CYS A 277 18.32 -8.89 2.63
CA CYS A 277 19.64 -8.64 3.26
C CYS A 277 20.76 -8.46 2.25
N SER A 278 20.93 -9.45 1.38
CA SER A 278 21.67 -9.25 0.14
C SER A 278 21.48 -7.78 -0.31
N THR A 279 20.24 -7.41 -0.64
CA THR A 279 19.89 -6.10 -1.27
C THR A 279 19.81 -4.83 -0.36
N ILE A 280 19.25 -4.93 0.84
CA ILE A 280 19.16 -3.72 1.72
C ILE A 280 20.10 -3.71 2.96
N GLY A 281 20.81 -4.84 3.17
CA GLY A 281 21.84 -4.98 4.23
C GLY A 281 21.41 -4.74 5.66
N LEU A 282 20.74 -5.73 6.27
CA LEU A 282 20.27 -5.70 7.68
C LEU A 282 21.12 -6.58 8.63
O20 EUI B . -2.03 7.52 5.83
C18 EUI B . -2.91 7.39 5.00
C15 EUI B . -4.31 7.01 5.40
C14 EUI B . -5.42 7.54 4.66
C13 EUI B . -6.74 7.23 5.04
C12 EUI B . -6.89 6.41 6.17
F17 EUI B . -8.01 5.98 6.70
C11 EUI B . -5.82 5.93 6.89
F16 EUI B . -6.06 5.14 7.89
C10 EUI B . -4.53 6.21 6.55
N9 EUI B . -3.56 5.61 7.33
C5 EUI B . -3.35 4.30 7.77
C4 EUI B . -4.27 3.27 7.46
C3 EUI B . -4.05 1.94 7.90
C2 EUI B . -2.89 1.63 8.63
I8 EUI B . -2.43 -0.37 9.39
C6 EUI B . -2.21 3.96 8.49
F7 EUI B . -1.32 4.91 8.81
C1 EUI B . -1.99 2.64 8.92
N19 EUI B . -2.59 7.58 3.71
C23 EUI B . -3.37 7.41 2.50
C22 EUI B . -1.98 7.80 1.86
C21 EUI B . -1.26 7.97 3.25
O24 EUI B . -1.32 6.71 1.22
C25 EUI B . -1.91 9.04 0.95
C30 EUI B . -2.85 10.18 1.43
C29 EUI B . -2.99 11.21 0.29
C28 EUI B . -3.63 10.53 -0.95
C27 EUI B . -2.70 9.40 -1.40
N26 EUI B . -2.33 8.45 -0.33
PG ACP C . 1.77 8.40 0.95
O1G ACP C . 1.76 9.42 2.07
O2G ACP C . 1.41 6.98 1.44
O3G ACP C . 0.79 8.81 -0.14
PB ACP C . 4.58 7.33 1.40
O1B ACP C . 3.87 6.01 1.57
O2B ACP C . 6.00 7.16 0.93
C3B ACP C . 3.51 8.40 0.35
PA ACP C . 4.22 7.71 4.23
O1A ACP C . 3.05 6.78 4.12
O2A ACP C . 3.99 9.02 4.97
O3A ACP C . 4.81 8.09 2.78
O5' ACP C . 5.51 7.05 4.89
C5' ACP C . 6.78 7.70 4.84
C4' ACP C . 7.92 6.69 4.95
O4' ACP C . 7.73 5.89 6.15
C3' ACP C . 7.87 5.72 3.77
O3' ACP C . 9.18 5.32 3.31
C2' ACP C . 7.20 4.51 4.37
O2' ACP C . 7.65 3.35 3.69
C1' ACP C . 7.68 4.51 5.83
N9 ACP C . 6.73 3.75 6.64
C8 ACP C . 5.38 3.90 6.71
N7 ACP C . 4.80 3.03 7.55
C5 ACP C . 5.80 2.27 8.02
C6 ACP C . 5.92 1.12 8.93
N6 ACP C . 4.82 0.61 9.51
N1 ACP C . 7.15 0.60 9.15
C2 ACP C . 8.25 1.09 8.60
N3 ACP C . 8.22 2.13 7.74
C4 ACP C . 7.05 2.74 7.42
MG MG D . 2.28 5.55 2.67
#